data_2EVS
#
_entry.id   2EVS
#
_cell.length_a   157.913
_cell.length_b   42.180
_cell.length_c   70.819
_cell.angle_alpha   90.00
_cell.angle_beta   104.57
_cell.angle_gamma   90.00
#
_symmetry.space_group_name_H-M   'C 1 2 1'
#
loop_
_entity.id
_entity.type
_entity.pdbx_description
1 polymer 'Glycolipid transfer protein'
2 non-polymer alpha-D-glucopyranose
3 non-polymer HEXANE
4 non-polymer DECANE
5 water water
#
_entity_poly.entity_id   1
_entity_poly.type   'polypeptide(L)'
_entity_poly.pdbx_seq_one_letter_code
;MALLAEHLLKPLPADKQIETGPFLEAVSHLPPFFDCLGSPVFTPIKADISGNITKIKAVYDTNPAKFRTLQNILEVEKEM
YGAEWPKVGATLALMWLKRGLRFIQVFLQSICDGERDENHPNLIRVNATKAYEMALKKYHGWIVQKIFQAALYAAPYKSD
FLKALSKGQNVTEEECLEKIRLFLVNYTATIDVIYEMYTQMNAELNYKV
;
_entity_poly.pdbx_strand_id   A,E
#
# COMPACT_ATOMS: atom_id res chain seq x y z
N ALA A 5 12.85 8.75 19.53
CA ALA A 5 11.95 8.74 18.35
C ALA A 5 12.69 8.12 17.17
N GLU A 6 12.17 7.01 16.67
CA GLU A 6 12.92 6.14 15.79
C GLU A 6 12.74 6.42 14.32
N HIS A 7 11.80 7.32 14.00
CA HIS A 7 11.67 7.86 12.64
C HIS A 7 12.66 9.00 12.44
N LEU A 8 13.30 9.48 13.50
CA LEU A 8 14.28 10.55 13.35
C LEU A 8 15.48 10.04 12.58
N LEU A 9 15.88 10.75 11.53
CA LEU A 9 17.07 10.36 10.76
C LEU A 9 18.34 10.87 11.43
N LYS A 10 19.44 10.17 11.16
CA LYS A 10 20.78 10.61 11.60
C LYS A 10 21.20 11.87 10.88
N PRO A 11 22.10 12.66 11.51
CA PRO A 11 22.76 13.71 10.76
C PRO A 11 23.56 13.17 9.59
N LEU A 12 23.75 14.02 8.58
CA LEU A 12 24.67 13.73 7.52
C LEU A 12 26.08 13.80 8.02
N PRO A 13 26.94 12.83 7.62
CA PRO A 13 28.37 12.90 7.91
C PRO A 13 28.98 13.91 6.97
N ALA A 14 30.26 14.21 7.20
CA ALA A 14 30.94 15.27 6.47
C ALA A 14 31.09 14.91 4.99
N ASP A 15 31.22 13.62 4.70
CA ASP A 15 31.39 13.12 3.33
C ASP A 15 30.05 12.89 2.60
N LYS A 16 28.94 13.16 3.29
CA LYS A 16 27.62 13.11 2.72
C LYS A 16 27.21 11.70 2.24
N GLN A 17 27.93 10.66 2.63
CA GLN A 17 27.59 9.32 2.19
C GLN A 17 26.56 8.77 3.15
N ILE A 18 25.34 8.56 2.67
CA ILE A 18 24.23 8.03 3.47
C ILE A 18 24.33 6.52 3.60
N GLU A 19 24.48 6.04 4.84
CA GLU A 19 24.46 4.62 5.13
C GLU A 19 23.06 4.05 4.98
N THR A 20 23.02 2.98 4.22
CA THR A 20 21.79 2.33 3.84
C THR A 20 21.00 1.75 5.02
N GLY A 21 21.68 1.09 5.95
CA GLY A 21 20.99 0.41 7.04
C GLY A 21 20.16 1.30 7.91
N PRO A 22 20.78 2.36 8.46
CA PRO A 22 20.04 3.30 9.30
C PRO A 22 19.00 4.11 8.53
N PHE A 23 19.26 4.38 7.24
CA PHE A 23 18.31 5.07 6.40
C PHE A 23 17.05 4.24 6.24
N LEU A 24 17.20 3.01 5.77
CA LEU A 24 16.10 2.10 5.65
C LEU A 24 15.36 1.91 6.97
N GLU A 25 16.05 1.75 8.07
CA GLU A 25 15.42 1.62 9.40
C GLU A 25 14.53 2.85 9.76
N ALA A 26 15.06 4.04 9.60
CA ALA A 26 14.29 5.25 9.89
C ALA A 26 13.07 5.45 8.95
N VAL A 27 13.24 5.40 7.62
CA VAL A 27 12.09 5.66 6.72
C VAL A 27 11.00 4.60 6.77
N SER A 28 11.35 3.41 7.25
CA SER A 28 10.38 2.36 7.35
C SER A 28 9.37 2.62 8.50
N HIS A 29 9.61 3.66 9.32
CA HIS A 29 8.63 4.14 10.29
C HIS A 29 7.65 5.15 9.70
N LEU A 30 7.91 5.59 8.48
CA LEU A 30 7.06 6.57 7.87
C LEU A 30 5.72 6.00 7.39
N PRO A 31 5.71 4.89 6.61
CA PRO A 31 4.42 4.37 6.16
C PRO A 31 3.30 4.20 7.20
N PRO A 32 3.58 3.62 8.40
CA PRO A 32 2.52 3.58 9.41
C PRO A 32 1.85 4.92 9.78
N PHE A 33 2.56 6.03 9.66
CA PHE A 33 1.98 7.35 9.98
C PHE A 33 0.89 7.81 8.99
N PHE A 34 0.82 7.15 7.82
CA PHE A 34 -0.27 7.39 6.87
C PHE A 34 -1.62 7.03 7.45
N ASP A 35 -1.63 6.14 8.45
CA ASP A 35 -2.89 5.81 9.12
C ASP A 35 -3.49 7.00 9.91
N CYS A 36 -2.63 7.94 10.32
CA CYS A 36 -3.05 9.18 11.01
C CYS A 36 -3.92 10.10 10.15
N LEU A 37 -3.89 9.84 8.83
CA LEU A 37 -4.73 10.55 7.88
C LEU A 37 -6.18 10.09 8.06
N GLY A 38 -6.32 8.91 8.66
CA GLY A 38 -7.61 8.32 8.88
C GLY A 38 -7.86 7.34 7.75
N SER A 39 -8.31 7.86 6.63
CA SER A 39 -8.86 7.02 5.58
C SER A 39 -7.90 5.98 4.98
N PRO A 40 -8.44 4.79 4.68
CA PRO A 40 -7.72 3.80 3.88
C PRO A 40 -7.62 4.12 2.38
N VAL A 41 -8.16 5.27 1.97
CA VAL A 41 -7.99 5.75 0.58
C VAL A 41 -6.57 6.24 0.30
N PHE A 42 -5.81 6.57 1.34
CA PHE A 42 -4.42 6.99 1.17
C PHE A 42 -3.45 5.84 1.03
N THR A 43 -3.96 4.63 0.95
CA THR A 43 -3.06 3.48 0.77
C THR A 43 -2.18 3.52 -0.50
N PRO A 44 -2.58 4.26 -1.57
CA PRO A 44 -1.70 4.41 -2.76
C PRO A 44 -0.38 5.11 -2.56
N ILE A 45 -0.37 6.22 -1.84
CA ILE A 45 0.88 6.86 -1.55
C ILE A 45 1.66 5.97 -0.55
N LYS A 46 0.94 5.31 0.37
CA LYS A 46 1.58 4.61 1.48
C LYS A 46 2.25 3.35 0.99
N ALA A 47 1.47 2.58 0.23
CA ALA A 47 1.90 1.35 -0.38
C ALA A 47 3.03 1.55 -1.38
N ASP A 48 3.03 2.65 -2.09
CA ASP A 48 4.11 2.95 -3.02
C ASP A 48 5.45 3.17 -2.34
N ILE A 49 5.46 4.08 -1.34
CA ILE A 49 6.62 4.33 -0.48
C ILE A 49 7.12 3.02 0.12
N SER A 50 6.20 2.27 0.66
CA SER A 50 6.51 1.03 1.28
C SER A 50 7.20 -0.01 0.40
N GLY A 51 6.59 -0.22 -0.75
CA GLY A 51 7.10 -1.16 -1.71
C GLY A 51 8.50 -0.79 -2.15
N ASN A 52 8.76 0.51 -2.31
CA ASN A 52 10.11 0.95 -2.74
C ASN A 52 11.13 0.74 -1.64
N ILE A 53 10.73 0.99 -0.39
CA ILE A 53 11.61 0.69 0.76
C ILE A 53 11.98 -0.80 0.78
N THR A 54 10.99 -1.67 0.66
CA THR A 54 11.21 -3.14 0.60
C THR A 54 12.17 -3.59 -0.53
N LYS A 55 12.00 -3.05 -1.73
CA LYS A 55 12.88 -3.39 -2.85
C LYS A 55 14.33 -2.98 -2.62
N ILE A 56 14.54 -1.85 -1.94
CA ILE A 56 15.90 -1.42 -1.62
C ILE A 56 16.49 -2.34 -0.54
N LYS A 57 15.66 -2.66 0.45
CA LYS A 57 16.04 -3.58 1.51
C LYS A 57 16.44 -4.95 0.95
N ALA A 58 15.70 -5.44 -0.04
CA ALA A 58 15.94 -6.78 -0.61
C ALA A 58 17.35 -6.91 -1.16
N VAL A 59 17.82 -5.85 -1.79
CA VAL A 59 19.16 -5.78 -2.34
C VAL A 59 20.16 -5.64 -1.20
N TYR A 60 19.96 -4.60 -0.38
CA TYR A 60 20.82 -4.31 0.75
C TYR A 60 21.07 -5.53 1.65
N ASP A 61 20.01 -6.26 2.00
CA ASP A 61 20.09 -7.37 2.94
C ASP A 61 20.96 -8.51 2.38
N THR A 62 20.97 -8.71 1.06
CA THR A 62 21.86 -9.69 0.45
C THR A 62 23.37 -9.45 0.75
N ASN A 63 23.75 -8.22 1.09
CA ASN A 63 25.16 -7.87 1.24
C ASN A 63 25.33 -6.46 1.79
N PRO A 64 25.07 -6.28 3.10
CA PRO A 64 25.12 -4.97 3.72
C PRO A 64 26.49 -4.27 3.62
N ALA A 65 27.58 -5.03 3.62
CA ALA A 65 28.94 -4.47 3.50
C ALA A 65 29.07 -3.85 2.14
N LYS A 66 28.76 -4.58 1.07
CA LYS A 66 28.91 -4.02 -0.27
C LYS A 66 27.93 -2.86 -0.56
N PHE A 67 26.75 -2.91 0.06
CA PHE A 67 25.69 -1.92 -0.18
C PHE A 67 25.54 -0.99 0.99
N ARG A 68 26.67 -0.69 1.58
CA ARG A 68 26.79 0.01 2.85
C ARG A 68 26.18 1.43 2.81
N THR A 69 26.41 2.12 1.70
CA THR A 69 25.86 3.43 1.44
C THR A 69 24.89 3.41 0.26
N LEU A 70 24.06 4.45 0.17
CA LEU A 70 23.11 4.59 -0.93
C LEU A 70 23.87 4.75 -2.26
N GLN A 71 24.95 5.54 -2.22
CA GLN A 71 25.86 5.63 -3.35
C GLN A 71 26.44 4.26 -3.80
N ASN A 72 26.77 3.38 -2.86
CA ASN A 72 27.24 2.03 -3.19
C ASN A 72 26.29 1.27 -4.04
N ILE A 73 25.00 1.33 -3.70
CA ILE A 73 23.93 0.65 -4.43
C ILE A 73 23.94 1.08 -5.90
N LEU A 74 24.01 2.40 -6.11
CA LEU A 74 24.03 2.92 -7.47
C LEU A 74 25.26 2.46 -8.26
N GLU A 75 26.44 2.56 -7.66
CA GLU A 75 27.65 2.18 -8.36
C GLU A 75 27.75 0.69 -8.65
N VAL A 76 27.35 -0.13 -7.69
CA VAL A 76 27.37 -1.55 -7.85
C VAL A 76 26.37 -2.04 -8.85
N GLU A 77 25.13 -1.58 -8.77
CA GLU A 77 24.15 -2.00 -9.74
C GLU A 77 24.51 -1.53 -11.15
N LYS A 78 25.17 -0.39 -11.28
CA LYS A 78 25.64 0.03 -12.61
C LYS A 78 26.67 -0.97 -13.16
N GLU A 79 27.55 -1.46 -12.28
CA GLU A 79 28.53 -2.53 -12.66
C GLU A 79 27.88 -3.85 -13.06
N MET A 80 26.89 -4.28 -12.26
CA MET A 80 26.21 -5.55 -12.52
C MET A 80 25.37 -5.48 -13.78
N TYR A 81 24.69 -4.37 -14.00
CA TYR A 81 23.63 -4.30 -15.02
C TYR A 81 23.73 -3.03 -15.88
N GLY A 82 24.89 -2.82 -16.51
CA GLY A 82 25.18 -1.56 -17.22
C GLY A 82 24.18 -1.12 -18.29
N ALA A 83 23.68 -2.03 -19.10
CA ALA A 83 22.83 -1.63 -20.25
C ALA A 83 21.54 -0.94 -19.83
N GLU A 84 20.91 -1.43 -18.77
CA GLU A 84 19.61 -0.90 -18.35
C GLU A 84 19.72 0.14 -17.22
N TRP A 85 20.81 0.15 -16.49
CA TRP A 85 21.01 1.13 -15.40
C TRP A 85 20.88 2.55 -15.97
N PRO A 86 20.25 3.49 -15.25
CA PRO A 86 19.69 3.44 -13.87
C PRO A 86 18.27 2.87 -13.75
N LYS A 87 17.67 2.38 -14.85
CA LYS A 87 16.32 1.81 -14.75
C LYS A 87 16.38 0.38 -14.28
N VAL A 88 16.93 0.18 -13.09
CA VAL A 88 17.08 -1.15 -12.56
C VAL A 88 17.03 -1.19 -11.05
N GLY A 89 16.43 -2.26 -10.52
CA GLY A 89 16.59 -2.67 -9.15
C GLY A 89 16.43 -1.58 -8.11
N ALA A 90 17.36 -1.54 -7.17
CA ALA A 90 17.25 -0.66 -6.01
C ALA A 90 17.48 0.75 -6.41
N THR A 91 18.32 0.95 -7.44
CA THR A 91 18.56 2.26 -8.02
C THR A 91 17.25 2.95 -8.44
N LEU A 92 16.42 2.17 -9.11
CA LEU A 92 15.13 2.67 -9.60
C LEU A 92 14.12 2.87 -8.47
N ALA A 93 14.06 1.89 -7.55
CA ALA A 93 13.25 2.01 -6.36
C ALA A 93 13.60 3.29 -5.54
N LEU A 94 14.88 3.55 -5.33
CA LEU A 94 15.31 4.77 -4.64
C LEU A 94 14.97 6.03 -5.44
N MET A 95 15.04 5.92 -6.76
CA MET A 95 14.68 7.05 -7.66
C MET A 95 13.26 7.50 -7.42
N TRP A 96 12.38 6.52 -7.28
CA TRP A 96 10.99 6.78 -6.95
C TRP A 96 10.81 7.11 -5.47
N LEU A 97 11.51 6.40 -4.58
CA LEU A 97 11.35 6.63 -3.15
C LEU A 97 11.62 8.09 -2.77
N LYS A 98 12.68 8.69 -3.28
CA LYS A 98 13.02 10.09 -2.95
C LYS A 98 11.91 11.08 -3.22
N ARG A 99 11.14 10.85 -4.29
CA ARG A 99 10.02 11.70 -4.66
C ARG A 99 8.90 11.61 -3.63
N GLY A 100 8.67 10.39 -3.15
CA GLY A 100 7.69 10.09 -2.13
C GLY A 100 8.12 10.67 -0.79
N LEU A 101 9.42 10.62 -0.51
CA LEU A 101 9.94 11.25 0.67
C LEU A 101 9.82 12.78 0.61
N ARG A 102 10.16 13.35 -0.53
CA ARG A 102 9.98 14.78 -0.74
C ARG A 102 8.51 15.25 -0.60
N PHE A 103 7.61 14.56 -1.27
CA PHE A 103 6.17 14.71 -1.01
C PHE A 103 5.81 14.80 0.51
N ILE A 104 6.23 13.83 1.33
CA ILE A 104 5.96 13.86 2.74
C ILE A 104 6.51 15.12 3.45
N GLN A 105 7.79 15.43 3.16
CA GLN A 105 8.46 16.58 3.64
C GLN A 105 7.71 17.88 3.39
N VAL A 106 7.36 18.13 2.11
CA VAL A 106 6.77 19.36 1.67
C VAL A 106 5.35 19.48 2.19
N PHE A 107 4.65 18.36 2.26
CA PHE A 107 3.38 18.29 2.98
C PHE A 107 3.53 18.75 4.44
N LEU A 108 4.48 18.17 5.18
CA LEU A 108 4.53 18.41 6.63
C LEU A 108 4.98 19.85 6.93
N GLN A 109 5.95 20.29 6.14
CA GLN A 109 6.55 21.60 6.24
C GLN A 109 5.49 22.69 6.00
N SER A 110 4.68 22.51 4.95
CA SER A 110 3.55 23.38 4.59
C SER A 110 2.54 23.51 5.75
N ILE A 111 2.25 22.40 6.39
CA ILE A 111 1.41 22.38 7.61
C ILE A 111 2.04 23.21 8.72
N CYS A 112 3.33 23.00 8.95
CA CYS A 112 4.02 23.71 10.02
C CYS A 112 4.11 25.19 9.74
N ASP A 113 4.29 25.54 8.46
CA ASP A 113 4.38 26.93 8.03
C ASP A 113 3.06 27.65 8.13
N GLY A 114 1.99 26.88 8.27
CA GLY A 114 0.69 27.43 8.44
C GLY A 114 0.03 27.78 7.13
N GLU A 115 0.49 27.24 6.00
CA GLU A 115 -0.27 27.52 4.79
C GLU A 115 -1.62 26.83 4.82
N ARG A 116 -2.60 27.54 4.32
CA ARG A 116 -3.97 27.06 4.36
C ARG A 116 -4.82 27.78 3.30
N ASP A 117 -5.93 27.11 2.95
CA ASP A 117 -7.02 27.65 2.20
C ASP A 117 -7.84 28.45 3.18
N GLU A 118 -7.92 29.76 2.96
CA GLU A 118 -8.70 30.63 3.84
C GLU A 118 -10.19 30.30 3.80
N ASN A 119 -10.65 29.71 2.69
CA ASN A 119 -12.04 29.26 2.54
C ASN A 119 -12.29 27.97 3.34
N HIS A 120 -11.26 27.17 3.56
CA HIS A 120 -11.35 25.92 4.34
C HIS A 120 -10.14 25.71 5.30
N PRO A 121 -10.01 26.63 6.29
CA PRO A 121 -8.81 26.73 7.12
C PRO A 121 -8.47 25.54 8.02
N ASN A 122 -9.41 24.63 8.31
CA ASN A 122 -9.11 23.44 9.13
C ASN A 122 -8.86 22.18 8.30
N LEU A 123 -8.78 22.29 6.98
CA LEU A 123 -8.37 21.15 6.16
C LEU A 123 -6.86 21.20 5.85
N ILE A 124 -6.35 20.11 5.30
CA ILE A 124 -4.94 20.01 4.87
C ILE A 124 -4.82 19.56 3.42
N ARG A 125 -5.90 19.78 2.67
CA ARG A 125 -6.00 19.46 1.26
C ARG A 125 -5.05 20.29 0.40
N VAL A 126 -5.00 21.60 0.63
CA VAL A 126 -4.06 22.47 -0.11
C VAL A 126 -2.61 22.03 0.12
N ASN A 127 -2.30 21.64 1.36
CA ASN A 127 -0.96 21.16 1.74
C ASN A 127 -0.61 19.89 0.96
N ALA A 128 -1.54 18.95 0.90
CA ALA A 128 -1.33 17.69 0.14
C ALA A 128 -1.18 17.96 -1.34
N THR A 129 -2.02 18.82 -1.86
CA THR A 129 -2.07 19.06 -3.29
C THR A 129 -0.79 19.75 -3.76
N LYS A 130 -0.36 20.75 -3.03
CA LYS A 130 0.91 21.42 -3.31
C LYS A 130 2.10 20.48 -3.21
N ALA A 131 2.12 19.65 -2.18
CA ALA A 131 3.14 18.61 -2.02
C ALA A 131 3.15 17.71 -3.26
N TYR A 132 1.99 17.16 -3.65
CA TYR A 132 1.89 16.25 -4.84
C TYR A 132 2.36 16.92 -6.15
N GLU A 133 1.93 18.16 -6.35
CA GLU A 133 2.30 18.94 -7.52
C GLU A 133 3.80 19.16 -7.67
N MET A 134 4.50 19.46 -6.56
CA MET A 134 5.90 19.72 -6.67
C MET A 134 6.73 18.44 -6.73
N ALA A 135 6.35 17.43 -5.96
CA ALA A 135 7.16 16.19 -5.84
C ALA A 135 6.93 15.08 -6.86
N LEU A 136 5.69 14.86 -7.29
CA LEU A 136 5.31 13.60 -7.95
C LEU A 136 4.56 13.70 -9.26
N LYS A 137 3.67 14.68 -9.36
CA LYS A 137 2.67 14.77 -10.45
C LYS A 137 3.28 14.69 -11.86
N LYS A 138 4.44 15.33 -12.07
CA LYS A 138 5.06 15.39 -13.40
C LYS A 138 5.56 14.03 -13.87
N TYR A 139 5.66 13.09 -12.95
CA TYR A 139 6.09 11.72 -13.22
C TYR A 139 4.93 10.71 -13.31
N HIS A 140 3.69 11.19 -13.22
CA HIS A 140 2.50 10.32 -13.22
C HIS A 140 1.65 10.62 -14.46
N GLY A 141 1.29 9.59 -15.21
CA GLY A 141 0.33 9.75 -16.30
C GLY A 141 -1.06 10.03 -15.75
N TRP A 142 -2.04 10.15 -16.60
CA TRP A 142 -3.32 10.64 -16.17
C TRP A 142 -4.08 9.71 -15.20
N ILE A 143 -3.90 8.40 -15.37
CA ILE A 143 -4.61 7.41 -14.57
C ILE A 143 -4.07 7.36 -13.14
N VAL A 144 -2.75 7.44 -13.00
CA VAL A 144 -2.16 7.50 -11.68
C VAL A 144 -2.48 8.86 -11.01
N GLN A 145 -2.49 9.94 -11.78
CA GLN A 145 -2.93 11.23 -11.25
C GLN A 145 -4.37 11.14 -10.76
N LYS A 146 -5.20 10.43 -11.51
CA LYS A 146 -6.58 10.24 -11.10
C LYS A 146 -6.68 9.56 -9.71
N ILE A 147 -5.82 8.58 -9.48
CA ILE A 147 -5.80 7.83 -8.24
C ILE A 147 -5.33 8.70 -7.07
N PHE A 148 -4.23 9.43 -7.27
CA PHE A 148 -3.60 10.22 -6.20
C PHE A 148 -4.43 11.41 -5.86
N GLN A 149 -5.12 11.97 -6.85
CA GLN A 149 -5.91 13.18 -6.64
C GLN A 149 -7.26 12.87 -5.98
N ALA A 150 -7.84 11.70 -6.28
CA ALA A 150 -9.04 11.24 -5.57
C ALA A 150 -8.74 11.11 -4.06
N ALA A 151 -7.62 10.48 -3.72
CA ALA A 151 -7.20 10.28 -2.33
C ALA A 151 -6.87 11.56 -1.58
N LEU A 152 -6.23 12.53 -2.23
CA LEU A 152 -5.91 13.79 -1.54
C LEU A 152 -7.18 14.46 -1.11
N TYR A 153 -8.25 14.22 -1.86
CA TYR A 153 -9.54 14.82 -1.57
C TYR A 153 -10.20 14.25 -0.30
N ALA A 154 -9.56 13.27 0.36
CA ALA A 154 -10.00 12.74 1.67
C ALA A 154 -9.07 13.14 2.79
N ALA A 155 -8.23 14.12 2.52
CA ALA A 155 -7.40 14.75 3.54
C ALA A 155 -8.26 15.11 4.77
N PRO A 156 -7.80 14.71 5.97
CA PRO A 156 -8.59 14.94 7.17
C PRO A 156 -8.55 16.39 7.60
N TYR A 157 -9.23 16.73 8.68
CA TYR A 157 -9.01 17.99 9.36
C TYR A 157 -7.58 18.05 9.93
N LYS A 158 -7.03 19.26 9.97
CA LYS A 158 -5.72 19.50 10.50
C LYS A 158 -5.59 19.05 11.94
N SER A 159 -6.58 19.42 12.76
CA SER A 159 -6.53 19.13 14.20
C SER A 159 -6.58 17.61 14.46
N ASP A 160 -7.43 16.90 13.72
CA ASP A 160 -7.49 15.44 13.79
C ASP A 160 -6.16 14.78 13.47
N PHE A 161 -5.58 15.17 12.34
CA PHE A 161 -4.28 14.68 11.89
C PHE A 161 -3.18 14.84 12.94
N LEU A 162 -3.15 16.02 13.55
CA LEU A 162 -2.16 16.32 14.56
C LEU A 162 -2.41 15.58 15.86
N LYS A 163 -3.67 15.51 16.28
CA LYS A 163 -4.05 14.68 17.43
C LYS A 163 -3.64 13.24 17.19
N ALA A 164 -3.94 12.73 15.99
CA ALA A 164 -3.58 11.36 15.67
C ALA A 164 -2.06 11.14 15.73
N LEU A 165 -1.27 12.04 15.15
CA LEU A 165 0.19 11.88 15.16
C LEU A 165 0.78 11.72 16.57
N SER A 166 0.19 12.39 17.54
CA SER A 166 0.74 12.45 18.89
C SER A 166 0.03 11.52 19.90
N LYS A 167 -0.64 10.49 19.40
CA LYS A 167 -1.31 9.50 20.25
C LYS A 167 -0.34 8.83 21.20
N GLY A 168 -0.85 8.30 22.31
CA GLY A 168 -0.02 7.58 23.29
C GLY A 168 0.81 8.48 24.20
N GLN A 169 1.00 9.72 23.76
CA GLN A 169 1.72 10.75 24.53
C GLN A 169 0.81 11.95 24.75
N ASN A 170 1.24 12.80 25.67
CA ASN A 170 0.46 13.96 26.09
C ASN A 170 1.22 15.20 25.68
N VAL A 171 0.75 15.80 24.60
CA VAL A 171 1.54 16.79 23.90
C VAL A 171 0.55 17.73 23.21
N THR A 172 0.71 19.05 23.35
CA THR A 172 -0.20 20.00 22.70
C THR A 172 0.04 20.05 21.19
N GLU A 173 -0.88 20.72 20.50
CA GLU A 173 -0.80 20.86 19.06
C GLU A 173 0.50 21.53 18.62
N GLU A 174 0.92 22.62 19.24
CA GLU A 174 2.14 23.22 18.74
C GLU A 174 3.40 22.48 19.30
N GLU A 175 3.26 21.67 20.36
CA GLU A 175 4.35 20.72 20.71
C GLU A 175 4.51 19.63 19.64
N CYS A 176 3.39 19.15 19.13
CA CYS A 176 3.43 18.19 18.05
C CYS A 176 4.07 18.79 16.78
N LEU A 177 3.71 20.04 16.46
CA LEU A 177 4.33 20.80 15.39
C LEU A 177 5.82 21.01 15.59
N GLU A 178 6.25 21.30 16.82
CA GLU A 178 7.67 21.39 17.15
C GLU A 178 8.38 20.07 16.85
N LYS A 179 7.75 18.96 17.18
CA LYS A 179 8.26 17.63 16.84
C LYS A 179 8.33 17.35 15.34
N ILE A 180 7.38 17.83 14.58
CA ILE A 180 7.48 17.70 13.12
C ILE A 180 8.67 18.50 12.57
N ARG A 181 8.83 19.74 13.01
CA ARG A 181 9.95 20.56 12.59
C ARG A 181 11.27 19.90 12.86
N LEU A 182 11.42 19.38 14.07
CA LEU A 182 12.64 18.67 14.44
C LEU A 182 12.91 17.49 13.52
N PHE A 183 11.89 16.67 13.28
CA PHE A 183 12.06 15.55 12.32
C PHE A 183 12.52 16.04 10.92
N LEU A 184 11.99 17.20 10.49
CA LEU A 184 12.22 17.70 9.17
C LEU A 184 13.66 18.07 8.92
N VAL A 185 14.41 18.36 9.98
CA VAL A 185 15.80 18.81 9.83
C VAL A 185 16.72 17.83 9.06
N ASN A 186 16.97 16.66 9.63
CA ASN A 186 17.85 15.66 9.00
C ASN A 186 17.15 14.94 7.86
N TYR A 187 15.83 14.81 7.95
CA TYR A 187 15.00 14.26 6.88
C TYR A 187 15.14 15.07 5.57
N THR A 188 14.94 16.38 5.66
CA THR A 188 15.09 17.29 4.52
C THR A 188 16.52 17.27 3.98
N ALA A 189 17.51 17.42 4.86
CA ALA A 189 18.91 17.38 4.46
C ALA A 189 19.28 16.09 3.73
N THR A 190 18.78 14.94 4.21
CA THR A 190 19.07 13.66 3.58
C THR A 190 18.45 13.62 2.17
N ILE A 191 17.20 14.07 2.03
CA ILE A 191 16.51 14.07 0.76
C ILE A 191 17.26 14.89 -0.25
N ASP A 192 17.73 16.10 0.15
CA ASP A 192 18.50 16.96 -0.75
C ASP A 192 19.72 16.21 -1.30
N VAL A 193 20.39 15.46 -0.44
CA VAL A 193 21.63 14.75 -0.83
C VAL A 193 21.34 13.60 -1.79
N ILE A 194 20.21 12.93 -1.59
CA ILE A 194 19.77 11.87 -2.49
C ILE A 194 19.45 12.39 -3.87
N TYR A 195 18.70 13.49 -3.96
CA TYR A 195 18.44 14.16 -5.23
C TYR A 195 19.73 14.57 -5.93
N GLU A 196 20.65 15.17 -5.18
CA GLU A 196 21.94 15.62 -5.71
C GLU A 196 22.77 14.44 -6.19
N MET A 197 22.77 13.32 -5.47
CA MET A 197 23.46 12.10 -5.90
C MET A 197 22.87 11.62 -7.22
N TYR A 198 21.55 11.61 -7.36
CA TYR A 198 20.96 11.19 -8.61
C TYR A 198 21.38 12.05 -9.81
N THR A 199 21.46 13.36 -9.64
CA THR A 199 21.97 14.26 -10.68
C THR A 199 23.46 14.02 -10.94
N GLN A 200 24.27 13.99 -9.88
CA GLN A 200 25.69 13.78 -10.08
C GLN A 200 26.05 12.46 -10.76
N MET A 201 25.27 11.43 -10.53
CA MET A 201 25.54 10.12 -11.10
C MET A 201 24.82 9.83 -12.38
N ASN A 202 24.10 10.81 -12.91
CA ASN A 202 23.33 10.60 -14.14
C ASN A 202 22.35 9.43 -14.01
N ALA A 203 21.76 9.32 -12.82
CA ALA A 203 20.82 8.24 -12.47
C ALA A 203 19.34 8.63 -12.51
N GLU A 204 19.06 9.89 -12.82
CA GLU A 204 17.73 10.43 -12.75
C GLU A 204 17.01 10.20 -14.11
N LEU A 205 15.81 9.64 -14.05
CA LEU A 205 15.02 9.39 -15.26
C LEU A 205 13.74 10.18 -15.09
N ASN A 206 13.15 10.65 -16.17
CA ASN A 206 11.88 11.42 -16.02
C ASN A 206 10.66 10.84 -16.75
N TYR A 207 10.68 9.55 -17.08
CA TYR A 207 9.48 8.94 -17.61
C TYR A 207 8.32 8.98 -16.61
N LYS A 208 7.12 8.85 -17.16
CA LYS A 208 5.90 8.89 -16.41
C LYS A 208 5.36 7.49 -16.31
N VAL A 209 4.77 7.19 -15.17
CA VAL A 209 3.93 6.03 -15.04
C VAL A 209 2.53 6.55 -14.72
N ILE B 18 -12.23 -23.21 10.70
CA ILE B 18 -11.03 -22.80 9.91
C ILE B 18 -9.86 -22.46 10.82
N GLU B 19 -8.78 -23.23 10.72
CA GLU B 19 -7.52 -22.91 11.40
C GLU B 19 -6.90 -21.66 10.78
N THR B 20 -6.41 -20.76 11.63
CA THR B 20 -5.86 -19.49 11.19
C THR B 20 -4.56 -19.67 10.41
N GLY B 21 -3.55 -20.27 11.05
CA GLY B 21 -2.25 -20.46 10.43
C GLY B 21 -2.33 -20.90 8.97
N PRO B 22 -2.84 -22.14 8.73
CA PRO B 22 -3.08 -22.70 7.39
C PRO B 22 -3.76 -21.74 6.43
N PHE B 23 -4.81 -21.06 6.91
CA PHE B 23 -5.55 -20.08 6.12
C PHE B 23 -4.69 -18.87 5.70
N LEU B 24 -3.96 -18.29 6.65
CA LEU B 24 -3.13 -17.12 6.39
C LEU B 24 -1.95 -17.45 5.48
N GLU B 25 -1.32 -18.59 5.75
CA GLU B 25 -0.28 -19.16 4.89
C GLU B 25 -0.79 -19.31 3.45
N ALA B 26 -2.05 -19.72 3.29
CA ALA B 26 -2.64 -19.95 1.97
C ALA B 26 -2.91 -18.66 1.19
N VAL B 27 -3.74 -17.79 1.74
CA VAL B 27 -4.09 -16.54 1.07
C VAL B 27 -2.89 -15.57 0.95
N SER B 28 -1.87 -15.79 1.77
CA SER B 28 -0.65 -14.98 1.72
C SER B 28 0.04 -15.00 0.34
N HIS B 29 -0.28 -16.02 -0.47
CA HIS B 29 0.29 -16.19 -1.80
C HIS B 29 -0.56 -15.60 -2.92
N LEU B 30 -1.63 -14.90 -2.56
CA LEU B 30 -2.52 -14.32 -3.56
C LEU B 30 -2.17 -12.87 -3.98
N PRO B 31 -1.73 -12.00 -3.03
CA PRO B 31 -1.28 -10.64 -3.38
C PRO B 31 -0.20 -10.55 -4.47
N PRO B 32 0.84 -11.42 -4.42
CA PRO B 32 1.85 -11.35 -5.48
C PRO B 32 1.32 -11.61 -6.91
N PHE B 33 0.22 -12.33 -7.03
CA PHE B 33 -0.43 -12.56 -8.33
C PHE B 33 -1.14 -11.31 -8.87
N PHE B 34 -1.22 -10.24 -8.07
CA PHE B 34 -1.67 -8.95 -8.58
C PHE B 34 -0.58 -8.33 -9.47
N ASP B 35 0.69 -8.62 -9.19
CA ASP B 35 1.81 -8.20 -10.05
C ASP B 35 1.61 -8.72 -11.49
N CYS B 36 0.96 -9.88 -11.63
CA CYS B 36 0.55 -10.43 -12.93
C CYS B 36 -0.40 -9.54 -13.74
N LEU B 37 -1.01 -8.56 -13.10
CA LEU B 37 -1.87 -7.61 -13.80
C LEU B 37 -1.04 -6.67 -14.68
N GLY B 38 0.26 -6.55 -14.38
CA GLY B 38 1.21 -5.86 -15.24
C GLY B 38 1.22 -4.33 -15.22
N SER B 39 0.53 -3.73 -14.25
CA SER B 39 0.52 -2.26 -14.14
C SER B 39 0.72 -1.84 -12.67
N PRO B 40 1.56 -0.80 -12.43
CA PRO B 40 1.75 -0.17 -11.12
C PRO B 40 0.46 0.27 -10.41
N VAL B 41 -0.56 0.63 -11.19
CA VAL B 41 -1.90 0.83 -10.61
C VAL B 41 -2.27 -0.61 -10.30
N PHE B 42 -2.94 -0.87 -9.19
CA PHE B 42 -3.17 -2.22 -8.66
C PHE B 42 -2.35 -2.51 -7.41
N THR B 43 -1.23 -1.81 -7.20
CA THR B 43 -0.40 -2.04 -6.01
C THR B 43 -1.10 -1.59 -4.71
N PRO B 44 -1.89 -0.50 -4.75
CA PRO B 44 -2.59 -0.15 -3.50
C PRO B 44 -3.70 -1.18 -3.16
N ILE B 45 -4.34 -1.70 -4.19
CA ILE B 45 -5.35 -2.75 -4.01
C ILE B 45 -4.68 -4.00 -3.44
N LYS B 46 -3.52 -4.35 -3.99
CA LYS B 46 -2.72 -5.48 -3.53
C LYS B 46 -2.30 -5.29 -2.09
N ALA B 47 -1.69 -4.14 -1.80
CA ALA B 47 -1.19 -3.86 -0.46
C ALA B 47 -2.34 -3.80 0.56
N ASP B 48 -3.51 -3.37 0.11
CA ASP B 48 -4.65 -3.34 1.01
C ASP B 48 -5.05 -4.76 1.50
N ILE B 49 -5.06 -5.73 0.58
CA ILE B 49 -5.32 -7.14 0.92
C ILE B 49 -4.16 -7.69 1.75
N SER B 50 -2.97 -7.33 1.33
CA SER B 50 -1.77 -7.71 2.02
C SER B 50 -1.74 -7.26 3.47
N GLY B 51 -2.10 -6.00 3.70
CA GLY B 51 -2.09 -5.40 5.03
C GLY B 51 -3.08 -6.03 5.99
N ASN B 52 -4.26 -6.39 5.48
CA ASN B 52 -5.28 -7.05 6.27
C ASN B 52 -4.84 -8.43 6.74
N ILE B 53 -4.09 -9.14 5.87
CA ILE B 53 -3.50 -10.43 6.28
C ILE B 53 -2.44 -10.19 7.35
N THR B 54 -1.58 -9.20 7.13
CA THR B 54 -0.55 -8.81 8.10
C THR B 54 -1.15 -8.52 9.47
N LYS B 55 -2.29 -7.81 9.48
CA LYS B 55 -3.01 -7.45 10.71
C LYS B 55 -3.53 -8.67 11.47
N ILE B 56 -4.06 -9.64 10.72
CA ILE B 56 -4.58 -10.87 11.30
C ILE B 56 -3.45 -11.80 11.76
N LYS B 57 -2.36 -11.86 10.99
CA LYS B 57 -1.19 -12.63 11.40
C LYS B 57 -0.61 -12.08 12.71
N ALA B 58 -0.65 -10.76 12.86
CA ALA B 58 -0.10 -10.09 14.05
C ALA B 58 -0.94 -10.32 15.31
N VAL B 59 -2.20 -10.72 15.16
CA VAL B 59 -3.05 -11.10 16.31
C VAL B 59 -2.90 -12.59 16.59
N TYR B 60 -2.82 -13.38 15.52
CA TYR B 60 -2.62 -14.83 15.64
C TYR B 60 -1.24 -15.17 16.21
N ASP B 61 -0.18 -14.62 15.62
CA ASP B 61 1.20 -14.85 16.05
C ASP B 61 1.39 -14.65 17.56
N THR B 62 0.64 -13.70 18.13
CA THR B 62 0.69 -13.43 19.60
C THR B 62 0.46 -14.68 20.44
N ASN B 63 -0.53 -15.48 20.04
CA ASN B 63 -0.88 -16.70 20.76
C ASN B 63 -1.64 -17.69 19.86
N PRO B 64 -0.90 -18.52 19.11
CA PRO B 64 -1.48 -19.50 18.17
C PRO B 64 -2.55 -20.43 18.75
N ALA B 65 -2.46 -20.74 20.05
CA ALA B 65 -3.49 -21.56 20.70
C ALA B 65 -4.78 -20.76 20.88
N LYS B 66 -4.67 -19.59 21.51
CA LYS B 66 -5.84 -18.74 21.78
C LYS B 66 -6.53 -18.27 20.51
N PHE B 67 -5.75 -18.04 19.45
CA PHE B 67 -6.25 -17.58 18.16
C PHE B 67 -6.07 -18.63 17.06
N ARG B 68 -6.24 -19.91 17.41
CA ARG B 68 -5.95 -21.01 16.48
C ARG B 68 -6.89 -21.06 15.29
N THR B 69 -8.17 -20.75 15.52
CA THR B 69 -9.16 -20.66 14.43
C THR B 69 -9.70 -19.24 14.27
N LEU B 70 -10.43 -19.04 13.17
CA LEU B 70 -11.04 -17.75 12.87
C LEU B 70 -12.27 -17.51 13.77
N GLN B 71 -12.83 -18.60 14.28
CA GLN B 71 -13.87 -18.53 15.30
C GLN B 71 -13.28 -17.90 16.55
N ASN B 72 -12.09 -18.37 16.93
CA ASN B 72 -11.40 -17.93 18.14
C ASN B 72 -11.13 -16.44 18.12
N ILE B 73 -10.46 -15.96 17.09
CA ILE B 73 -10.23 -14.54 16.91
C ILE B 73 -11.50 -13.73 17.19
N LEU B 74 -12.58 -14.02 16.47
CA LEU B 74 -13.82 -13.23 16.57
C LEU B 74 -14.49 -13.29 17.95
N GLU B 75 -14.46 -14.45 18.58
CA GLU B 75 -15.08 -14.60 19.89
C GLU B 75 -14.21 -13.98 20.98
N VAL B 76 -12.90 -14.23 20.92
CA VAL B 76 -11.96 -13.68 21.91
C VAL B 76 -11.79 -12.17 21.77
N GLU B 77 -11.99 -11.63 20.55
CA GLU B 77 -11.93 -10.18 20.36
C GLU B 77 -13.18 -9.46 20.85
N LYS B 78 -14.35 -10.10 20.73
CA LYS B 78 -15.56 -9.56 21.33
C LYS B 78 -15.37 -9.43 22.85
N GLU B 79 -14.61 -10.36 23.43
CA GLU B 79 -14.30 -10.35 24.86
C GLU B 79 -13.36 -9.19 25.25
N MET B 80 -12.37 -8.91 24.39
CA MET B 80 -11.28 -7.99 24.75
C MET B 80 -11.67 -6.51 24.64
N TYR B 81 -12.51 -6.20 23.64
CA TYR B 81 -13.03 -4.85 23.46
C TYR B 81 -14.53 -4.90 23.65
N GLY B 82 -15.07 -3.94 24.40
CA GLY B 82 -16.49 -3.96 24.75
C GLY B 82 -17.39 -3.62 23.58
N ALA B 83 -17.91 -2.40 23.58
CA ALA B 83 -18.86 -1.95 22.57
C ALA B 83 -18.19 -1.63 21.22
N GLU B 84 -16.87 -1.47 21.24
CA GLU B 84 -16.08 -1.20 20.04
C GLU B 84 -16.17 -2.30 18.99
N TRP B 85 -16.00 -3.55 19.43
CA TRP B 85 -16.20 -4.72 18.58
C TRP B 85 -17.58 -4.62 17.94
N PRO B 86 -17.71 -4.99 16.65
CA PRO B 86 -16.75 -5.69 15.78
C PRO B 86 -15.78 -4.81 14.98
N LYS B 87 -15.96 -3.49 15.04
CA LYS B 87 -15.10 -2.54 14.32
C LYS B 87 -13.71 -2.43 14.98
N VAL B 88 -13.01 -3.56 15.07
CA VAL B 88 -11.77 -3.62 15.86
C VAL B 88 -10.86 -4.79 15.44
N GLY B 89 -9.55 -4.52 15.46
CA GLY B 89 -8.52 -5.55 15.38
C GLY B 89 -8.52 -6.50 14.19
N ALA B 90 -8.26 -7.78 14.47
CA ALA B 90 -8.27 -8.82 13.45
C ALA B 90 -9.66 -9.04 12.85
N THR B 91 -10.71 -8.88 13.65
CA THR B 91 -12.09 -9.02 13.18
C THR B 91 -12.36 -8.03 12.04
N LEU B 92 -12.07 -6.76 12.27
CA LEU B 92 -12.29 -5.72 11.28
C LEU B 92 -11.46 -6.02 10.03
N ALA B 93 -10.20 -6.40 10.23
CA ALA B 93 -9.27 -6.73 9.13
C ALA B 93 -9.79 -7.86 8.22
N LEU B 94 -10.32 -8.91 8.84
CA LEU B 94 -10.88 -10.06 8.11
C LEU B 94 -12.24 -9.75 7.46
N MET B 95 -13.00 -8.85 8.08
CA MET B 95 -14.27 -8.39 7.50
C MET B 95 -14.03 -7.74 6.14
N TRP B 96 -12.97 -6.95 6.03
CA TRP B 96 -12.58 -6.37 4.74
C TRP B 96 -11.84 -7.40 3.89
N LEU B 97 -10.97 -8.19 4.52
CA LEU B 97 -10.21 -9.18 3.78
C LEU B 97 -11.12 -10.13 3.00
N LYS B 98 -12.23 -10.55 3.62
CA LYS B 98 -13.12 -11.53 2.99
C LYS B 98 -13.77 -10.98 1.73
N ARG B 99 -14.11 -9.68 1.76
CA ARG B 99 -14.63 -8.99 0.58
C ARG B 99 -13.63 -8.93 -0.60
N GLY B 100 -12.34 -8.89 -0.28
CA GLY B 100 -11.29 -8.86 -1.28
C GLY B 100 -10.94 -10.25 -1.79
N LEU B 101 -11.00 -11.24 -0.91
CA LEU B 101 -10.82 -12.64 -1.30
C LEU B 101 -11.98 -13.13 -2.16
N ARG B 102 -13.18 -12.70 -1.80
CA ARG B 102 -14.40 -12.93 -2.55
C ARG B 102 -14.31 -12.30 -3.94
N PHE B 103 -14.00 -11.01 -3.96
CA PHE B 103 -13.75 -10.27 -5.19
C PHE B 103 -12.92 -11.11 -6.17
N ILE B 104 -11.73 -11.50 -5.72
CA ILE B 104 -10.84 -12.40 -6.45
C ILE B 104 -11.60 -13.64 -6.93
N GLN B 105 -12.22 -14.33 -5.97
CA GLN B 105 -12.93 -15.58 -6.22
C GLN B 105 -13.91 -15.43 -7.38
N VAL B 106 -14.79 -14.44 -7.29
CA VAL B 106 -15.79 -14.17 -8.33
C VAL B 106 -15.13 -13.82 -9.65
N PHE B 107 -14.00 -13.14 -9.58
CA PHE B 107 -13.25 -12.79 -10.78
C PHE B 107 -12.62 -14.04 -11.41
N LEU B 108 -11.94 -14.85 -10.61
CA LEU B 108 -11.33 -16.07 -11.12
C LEU B 108 -12.41 -17.02 -11.62
N GLN B 109 -13.54 -17.05 -10.92
CA GLN B 109 -14.66 -17.91 -11.31
C GLN B 109 -15.27 -17.39 -12.62
N SER B 110 -15.44 -16.09 -12.73
CA SER B 110 -15.98 -15.48 -13.94
C SER B 110 -15.14 -15.87 -15.17
N ILE B 111 -13.82 -15.76 -15.04
CA ILE B 111 -12.90 -16.11 -16.13
C ILE B 111 -13.02 -17.59 -16.48
N CYS B 112 -12.90 -18.46 -15.48
CA CYS B 112 -13.08 -19.90 -15.63
C CYS B 112 -14.46 -20.29 -16.20
N ASP B 113 -15.50 -19.54 -15.85
CA ASP B 113 -16.84 -19.77 -16.41
C ASP B 113 -16.96 -19.38 -17.90
N GLY B 114 -15.87 -18.88 -18.50
CA GLY B 114 -15.88 -18.47 -19.90
C GLY B 114 -16.70 -17.22 -20.18
N GLU B 115 -16.86 -16.39 -19.15
CA GLU B 115 -17.58 -15.12 -19.27
C GLU B 115 -16.71 -14.07 -19.97
N ARG B 116 -17.31 -13.40 -20.96
CA ARG B 116 -16.59 -12.42 -21.75
C ARG B 116 -17.55 -11.52 -22.50
N ASP B 117 -17.00 -10.38 -22.93
CA ASP B 117 -17.70 -9.46 -23.79
C ASP B 117 -17.44 -9.95 -25.21
N GLU B 118 -18.40 -10.62 -25.83
CA GLU B 118 -18.20 -11.13 -27.20
C GLU B 118 -17.57 -10.12 -28.18
N ASN B 119 -17.74 -8.82 -27.90
CA ASN B 119 -17.05 -7.79 -28.66
C ASN B 119 -15.55 -7.75 -28.35
N HIS B 120 -15.18 -8.00 -27.10
CA HIS B 120 -13.81 -7.83 -26.63
C HIS B 120 -13.35 -9.06 -25.85
N PRO B 121 -13.18 -10.21 -26.53
CA PRO B 121 -12.98 -11.51 -25.88
C PRO B 121 -11.68 -11.64 -25.06
N ASN B 122 -10.62 -10.93 -25.46
CA ASN B 122 -9.34 -10.97 -24.74
C ASN B 122 -9.20 -9.84 -23.68
N LEU B 123 -10.29 -9.13 -23.39
CA LEU B 123 -10.34 -8.21 -22.24
C LEU B 123 -10.97 -8.89 -21.03
N ILE B 124 -10.83 -8.25 -19.86
CA ILE B 124 -11.41 -8.76 -18.60
C ILE B 124 -12.23 -7.70 -17.86
N ARG B 125 -12.69 -6.69 -18.59
CA ARG B 125 -13.46 -5.59 -18.00
C ARG B 125 -14.78 -6.08 -17.38
N VAL B 126 -15.43 -7.04 -18.04
CA VAL B 126 -16.67 -7.63 -17.54
C VAL B 126 -16.45 -8.53 -16.31
N ASN B 127 -15.39 -9.33 -16.32
CA ASN B 127 -15.07 -10.20 -15.17
C ASN B 127 -14.78 -9.39 -13.87
N ALA B 128 -14.17 -8.22 -14.03
CA ALA B 128 -13.74 -7.43 -12.89
C ALA B 128 -14.82 -6.45 -12.44
N THR B 129 -15.65 -5.99 -13.36
CA THR B 129 -16.81 -5.19 -13.02
C THR B 129 -17.84 -6.06 -12.29
N LYS B 130 -18.14 -7.23 -12.84
CA LYS B 130 -19.02 -8.20 -12.18
C LYS B 130 -18.56 -8.45 -10.74
N ALA B 131 -17.29 -8.75 -10.56
CA ALA B 131 -16.71 -8.99 -9.24
C ALA B 131 -16.85 -7.75 -8.36
N TYR B 132 -16.28 -6.63 -8.82
CA TYR B 132 -16.32 -5.39 -8.06
C TYR B 132 -17.73 -5.04 -7.53
N GLU B 133 -18.73 -5.04 -8.42
CA GLU B 133 -20.07 -4.55 -8.07
C GLU B 133 -20.75 -5.45 -7.02
N MET B 134 -20.46 -6.73 -7.08
CA MET B 134 -21.13 -7.69 -6.24
C MET B 134 -20.30 -8.10 -5.00
N ALA B 135 -19.04 -7.68 -4.93
CA ALA B 135 -18.17 -7.97 -3.77
C ALA B 135 -17.80 -6.72 -2.95
N LEU B 136 -17.63 -5.58 -3.63
CA LEU B 136 -17.02 -4.40 -3.02
C LEU B 136 -17.81 -3.10 -3.14
N LYS B 137 -18.45 -2.86 -4.28
CA LYS B 137 -18.96 -1.53 -4.62
C LYS B 137 -19.86 -0.91 -3.55
N LYS B 138 -20.67 -1.76 -2.91
CA LYS B 138 -21.63 -1.35 -1.85
C LYS B 138 -20.98 -0.65 -0.67
N TYR B 139 -19.73 -1.02 -0.38
CA TYR B 139 -18.99 -0.55 0.78
C TYR B 139 -17.93 0.50 0.42
N HIS B 140 -18.06 1.09 -0.77
CA HIS B 140 -17.11 2.09 -1.26
C HIS B 140 -17.77 3.45 -1.52
N GLY B 141 -17.24 4.49 -0.87
CA GLY B 141 -17.57 5.87 -1.20
C GLY B 141 -17.00 6.29 -2.54
N TRP B 142 -17.24 7.53 -2.94
CA TRP B 142 -16.96 7.94 -4.31
C TRP B 142 -15.47 8.02 -4.66
N ILE B 143 -14.65 8.39 -3.66
CA ILE B 143 -13.19 8.38 -3.80
C ILE B 143 -12.69 6.98 -4.10
N VAL B 144 -13.10 6.01 -3.28
CA VAL B 144 -12.60 4.64 -3.43
C VAL B 144 -13.06 4.04 -4.74
N GLN B 145 -14.29 4.37 -5.15
CA GLN B 145 -14.79 4.01 -6.49
C GLN B 145 -13.96 4.62 -7.63
N LYS B 146 -13.55 5.87 -7.48
CA LYS B 146 -12.65 6.48 -8.48
C LYS B 146 -11.28 5.76 -8.57
N ILE B 147 -10.80 5.27 -7.42
CA ILE B 147 -9.56 4.47 -7.37
C ILE B 147 -9.77 3.17 -8.10
N PHE B 148 -10.84 2.46 -7.78
CA PHE B 148 -11.17 1.20 -8.51
C PHE B 148 -11.52 1.42 -10.00
N GLN B 149 -12.16 2.55 -10.34
CA GLN B 149 -12.40 2.94 -11.76
C GLN B 149 -11.11 3.18 -12.56
N ALA B 150 -10.20 3.95 -11.99
CA ALA B 150 -8.89 4.14 -12.59
C ALA B 150 -8.18 2.80 -12.88
N ALA B 151 -8.18 1.92 -11.89
CA ALA B 151 -7.58 0.61 -12.01
C ALA B 151 -8.17 -0.17 -13.17
N LEU B 152 -9.49 -0.16 -13.31
CA LEU B 152 -10.16 -0.87 -14.42
C LEU B 152 -9.53 -0.61 -15.79
N TYR B 153 -9.39 0.64 -16.21
CA TYR B 153 -8.78 0.87 -17.53
C TYR B 153 -7.26 0.85 -17.55
N ALA B 154 -6.67 0.14 -16.60
CA ALA B 154 -5.32 -0.39 -16.75
C ALA B 154 -5.38 -1.92 -16.75
N ALA B 155 -6.58 -2.47 -16.93
CA ALA B 155 -6.75 -3.92 -16.90
C ALA B 155 -5.98 -4.58 -18.03
N PRO B 156 -5.39 -5.75 -17.76
CA PRO B 156 -4.52 -6.35 -18.78
C PRO B 156 -5.36 -7.16 -19.76
N TYR B 157 -4.69 -7.68 -20.80
CA TYR B 157 -5.32 -8.65 -21.67
C TYR B 157 -5.44 -9.98 -20.92
N LYS B 158 -6.57 -10.67 -21.14
CA LYS B 158 -6.85 -11.96 -20.50
C LYS B 158 -5.74 -12.99 -20.72
N SER B 159 -5.28 -13.10 -21.96
CA SER B 159 -4.22 -14.03 -22.32
C SER B 159 -2.95 -13.74 -21.51
N ASP B 160 -2.57 -12.47 -21.46
CA ASP B 160 -1.35 -12.03 -20.80
C ASP B 160 -1.43 -12.30 -19.31
N PHE B 161 -2.62 -12.10 -18.75
CA PHE B 161 -2.88 -12.30 -17.33
C PHE B 161 -2.54 -13.73 -16.94
N LEU B 162 -3.16 -14.70 -17.61
CA LEU B 162 -2.96 -16.12 -17.29
C LEU B 162 -1.50 -16.53 -17.48
N LYS B 163 -0.92 -16.05 -18.60
CA LYS B 163 0.51 -16.21 -18.88
C LYS B 163 1.39 -15.91 -17.66
N ALA B 164 1.22 -14.71 -17.11
CA ALA B 164 2.04 -14.24 -16.00
C ALA B 164 1.95 -15.14 -14.76
N LEU B 165 0.73 -15.64 -14.48
CA LEU B 165 0.50 -16.52 -13.34
C LEU B 165 1.33 -17.82 -13.32
N SER B 166 1.97 -18.16 -14.43
CA SER B 166 2.64 -19.46 -14.57
C SER B 166 4.08 -19.39 -15.10
N VAL B 171 3.53 -25.17 -18.82
CA VAL B 171 2.10 -25.02 -18.56
C VAL B 171 1.44 -24.18 -19.64
N THR B 172 0.41 -24.75 -20.29
CA THR B 172 -0.34 -24.06 -21.35
C THR B 172 -1.48 -23.24 -20.74
N GLU B 173 -2.32 -22.63 -21.59
CA GLU B 173 -3.40 -21.76 -21.11
C GLU B 173 -4.51 -22.51 -20.37
N GLU B 174 -4.93 -23.64 -20.94
CA GLU B 174 -5.97 -24.46 -20.32
C GLU B 174 -5.44 -25.20 -19.10
N GLU B 175 -4.18 -25.64 -19.17
CA GLU B 175 -3.52 -26.26 -18.03
C GLU B 175 -3.35 -25.28 -16.85
N CYS B 176 -3.42 -23.98 -17.14
CA CYS B 176 -3.51 -22.94 -16.12
C CYS B 176 -4.96 -22.74 -15.65
N LEU B 177 -5.89 -22.65 -16.61
CA LEU B 177 -7.32 -22.50 -16.30
C LEU B 177 -7.87 -23.64 -15.45
N GLU B 178 -7.71 -24.86 -15.95
CA GLU B 178 -8.09 -26.07 -15.21
C GLU B 178 -7.54 -26.01 -13.77
N LYS B 179 -6.31 -25.54 -13.62
CA LYS B 179 -5.64 -25.47 -12.30
C LYS B 179 -6.22 -24.38 -11.37
N ILE B 180 -6.81 -23.34 -11.94
CA ILE B 180 -7.48 -22.28 -11.16
C ILE B 180 -8.86 -22.74 -10.68
N ARG B 181 -9.60 -23.42 -11.57
CA ARG B 181 -10.83 -24.13 -11.22
C ARG B 181 -10.58 -25.06 -10.03
N LEU B 182 -9.39 -25.69 -10.05
CA LEU B 182 -8.94 -26.59 -8.99
C LEU B 182 -8.70 -25.80 -7.70
N PHE B 183 -7.93 -24.73 -7.81
CA PHE B 183 -7.69 -23.83 -6.68
C PHE B 183 -9.00 -23.32 -6.07
N LEU B 184 -9.95 -22.93 -6.93
CA LEU B 184 -11.22 -22.37 -6.49
C LEU B 184 -12.08 -23.29 -5.60
N VAL B 185 -11.87 -24.61 -5.69
CA VAL B 185 -12.61 -25.59 -4.87
C VAL B 185 -12.58 -25.23 -3.38
N ASN B 186 -11.40 -25.30 -2.77
CA ASN B 186 -11.24 -25.00 -1.34
C ASN B 186 -11.10 -23.51 -1.00
N TYR B 187 -11.10 -22.66 -2.03
CA TYR B 187 -11.08 -21.21 -1.85
C TYR B 187 -12.50 -20.68 -1.75
N THR B 188 -13.35 -21.04 -2.72
CA THR B 188 -14.75 -20.61 -2.74
C THR B 188 -15.49 -21.11 -1.50
N ALA B 189 -15.43 -22.43 -1.28
CA ALA B 189 -16.09 -23.06 -0.14
C ALA B 189 -15.63 -22.46 1.21
N THR B 190 -14.34 -22.11 1.29
CA THR B 190 -13.76 -21.55 2.51
C THR B 190 -14.26 -20.13 2.80
N ILE B 191 -14.45 -19.36 1.73
CA ILE B 191 -14.91 -17.97 1.86
C ILE B 191 -16.39 -17.91 2.19
N ASP B 192 -17.18 -18.79 1.57
CA ASP B 192 -18.62 -18.92 1.90
C ASP B 192 -18.80 -18.99 3.40
N VAL B 193 -18.04 -19.87 4.04
CA VAL B 193 -18.03 -20.00 5.49
C VAL B 193 -17.80 -18.63 6.15
N ILE B 194 -16.72 -17.97 5.78
CA ILE B 194 -16.32 -16.74 6.45
C ILE B 194 -17.40 -15.67 6.34
N TYR B 195 -18.12 -15.65 5.20
CA TYR B 195 -19.25 -14.74 5.02
C TYR B 195 -20.41 -15.06 5.99
N GLU B 196 -20.76 -16.34 6.12
CA GLU B 196 -21.82 -16.74 7.08
C GLU B 196 -21.36 -16.57 8.53
N MET B 197 -20.14 -17.03 8.86
CA MET B 197 -19.57 -16.85 10.20
C MET B 197 -19.71 -15.41 10.71
N TYR B 198 -19.60 -14.43 9.81
CA TYR B 198 -19.76 -13.03 10.21
C TYR B 198 -21.19 -12.71 10.61
N THR B 199 -22.14 -13.00 9.73
CA THR B 199 -23.58 -12.86 10.03
C THR B 199 -23.98 -13.84 11.15
N GLN B 200 -23.38 -15.03 11.12
CA GLN B 200 -23.49 -16.01 12.20
C GLN B 200 -23.20 -15.35 13.54
N MET B 201 -22.00 -14.77 13.68
CA MET B 201 -21.51 -14.24 14.97
C MET B 201 -21.74 -12.71 15.12
N ASN B 202 -22.73 -12.15 14.42
CA ASN B 202 -23.13 -10.73 14.55
C ASN B 202 -22.01 -9.69 14.26
N ALA B 203 -21.04 -10.07 13.43
CA ALA B 203 -19.80 -9.29 13.28
C ALA B 203 -19.75 -8.37 12.06
N GLU B 204 -20.62 -8.58 11.08
CA GLU B 204 -20.63 -7.81 9.83
C GLU B 204 -21.11 -6.37 10.03
N LEU B 205 -20.43 -5.44 9.34
CA LEU B 205 -20.85 -4.03 9.28
C LEU B 205 -21.17 -3.66 7.83
N ASN B 206 -21.63 -2.42 7.63
CA ASN B 206 -22.06 -1.93 6.30
C ASN B 206 -21.64 -0.49 5.95
N TYR B 207 -20.78 0.12 6.77
CA TYR B 207 -20.29 1.48 6.52
C TYR B 207 -19.42 1.54 5.25
N LYS B 208 -19.44 2.69 4.56
CA LYS B 208 -18.60 2.93 3.37
C LYS B 208 -17.27 3.63 3.71
N VAL B 209 -16.21 3.22 3.03
CA VAL B 209 -14.92 3.92 3.12
C VAL B 209 -14.78 5.05 2.09
#